data_2KM3
#
_entry.id   2KM3
#
_entity_poly.entity_id   1
_entity_poly.type   'polydeoxyribonucleotide'
_entity_poly.pdbx_seq_one_letter_code
;(DA)(DG)(DG)(DG)(DC)(DT)(DA)(DG)(DG)(DG)(DC)(DT)(DA)(DG)(DG)(DG)(DC)(DT)(DA)(DG)
(DG)(DG)
;
_entity_poly.pdbx_strand_id   A
#